data_9BAM
#
_entry.id   9BAM
#
_cell.length_a   68.877
_cell.length_b   76.849
_cell.length_c   99.918
_cell.angle_alpha   90.000
_cell.angle_beta   90.000
_cell.angle_gamma   90.000
#
_symmetry.space_group_name_H-M   'P 21 21 21'
#
loop_
_entity.id
_entity.type
_entity.pdbx_description
1 polymer 'Surface glycan-binding protein A (SGBP-A)'
2 non-polymer 'MAGNESIUM ION'
3 water water
#
_entity_poly.entity_id   1
_entity_poly.type   'polypeptide(L)'
_entity_poly.pdbx_seq_one_letter_code
;MHHHHHHSSGVDLGTENLYFQSNADMMERTNTDKTKVNQLDPNAQLTTSLLQTYGDFSLMDTYRNYITGFTQHFAGGWNV
TNYAGAVHHEDDIARRIWDRYYEVAIKNLVDAIHKSEDKANLNAALRIHRVYLLSVLADTYGDIPASEAGLGYISGISNP
KYDTVEDLYGWFFTELDACEQQLGTGTDHISGDVTSMGGDVAKWKKYANSLRMRYAMRISDVNPSKGQEEFEKAMNHADG
YIASAADDAYIKYADSPYTYYDGANDYDFRTNALGEILYGQDPSSPTFVSSTLFYQLQNTGDPRLYRICRHYYNIKRSQV
KPDKEQNIDLTDEVLAYFQRNNIGEEPCNTGSAWYENWMNVADAAEFPTLAKLAEQDANSYDNSDYRARLMRPCLNIDFE
MPSCPGILITSAEVDFLLAEAKTKGWNVSGDAESHYEAGVRASMEMLNNYYLTSNKISEDEINAFIANNQLGENPKQTIN
TQAWILHMMNPSEAWANMRRSDYPALLDRSRLATFPGDGFVYDDPNMSMPTRLRYPELEGQYNSVNYKAAIERMGGTDDW
HKKLWWDKSDVNVQGDFNPPYGKGYIKIGSG
;
_entity_poly.pdbx_strand_id   A
#
loop_
_chem_comp.id
_chem_comp.type
_chem_comp.name
_chem_comp.formula
MG non-polymer 'MAGNESIUM ION' 'Mg 2'
#
# COMPACT_ATOMS: atom_id res chain seq x y z
N ASP A 41 17.92 -15.89 -19.78
CA ASP A 41 18.52 -16.33 -18.50
C ASP A 41 17.55 -16.17 -17.33
N PRO A 42 17.05 -17.30 -16.83
CA PRO A 42 15.92 -17.24 -15.88
C PRO A 42 16.21 -16.47 -14.61
N ASN A 43 17.41 -16.59 -14.05
CA ASN A 43 17.70 -15.85 -12.81
C ASN A 43 17.63 -14.35 -13.04
N ALA A 44 18.15 -13.87 -14.18
CA ALA A 44 17.98 -12.46 -14.52
C ALA A 44 16.51 -12.09 -14.62
N GLN A 45 15.70 -13.00 -15.14
CA GLN A 45 14.28 -12.72 -15.31
C GLN A 45 13.56 -12.69 -13.96
N LEU A 46 13.99 -13.55 -13.02
CA LEU A 46 13.55 -13.38 -11.63
C LEU A 46 13.89 -11.99 -11.13
N THR A 47 15.08 -11.51 -11.43
CA THR A 47 15.50 -10.21 -10.91
C THR A 47 14.59 -9.10 -11.44
N THR A 48 14.41 -9.05 -12.76
CA THR A 48 13.55 -8.02 -13.35
C THR A 48 12.15 -8.07 -12.77
N SER A 49 11.61 -9.28 -12.61
CA SER A 49 10.24 -9.41 -12.14
C SER A 49 10.12 -8.98 -10.68
N LEU A 50 11.08 -9.41 -9.85
CA LEU A 50 11.08 -8.93 -8.48
C LEU A 50 11.17 -7.41 -8.45
N LEU A 51 12.15 -6.85 -9.15
CA LEU A 51 12.36 -5.41 -9.03
C LEU A 51 11.18 -4.62 -9.57
N GLN A 52 10.51 -5.11 -10.62
CA GLN A 52 9.43 -4.34 -11.20
C GLN A 52 8.33 -4.05 -10.19
N THR A 53 8.13 -4.95 -9.22
CA THR A 53 7.01 -4.88 -8.28
C THR A 53 6.76 -3.46 -7.83
N TYR A 54 7.76 -2.85 -7.18
CA TYR A 54 7.73 -1.42 -6.82
C TYR A 54 8.69 -0.57 -7.66
N GLY A 55 9.47 -1.18 -8.56
CA GLY A 55 10.51 -0.40 -9.20
C GLY A 55 10.11 0.32 -10.47
N ASP A 56 8.90 0.06 -10.97
CA ASP A 56 8.44 0.55 -12.27
C ASP A 56 7.63 1.82 -12.08
N PHE A 57 8.23 2.97 -12.41
CA PHE A 57 7.54 4.24 -12.26
C PHE A 57 6.25 4.30 -13.07
N SER A 58 6.18 3.56 -14.21
CA SER A 58 5.05 3.67 -15.13
C SER A 58 3.74 3.07 -14.61
N LEU A 59 3.72 2.44 -13.44
CA LEU A 59 2.46 2.02 -12.88
C LEU A 59 2.14 2.74 -11.58
N MET A 60 3.06 3.58 -11.10
CA MET A 60 2.85 4.28 -9.83
C MET A 60 1.75 5.33 -9.90
N ASP A 61 1.43 5.84 -11.11
CA ASP A 61 0.22 6.65 -11.26
C ASP A 61 -1.00 5.96 -10.67
N THR A 62 -1.11 4.65 -10.84
CA THR A 62 -2.29 3.97 -10.29
C THR A 62 -2.27 4.01 -8.76
N TYR A 63 -1.07 3.98 -8.17
CA TYR A 63 -1.00 3.91 -6.71
C TYR A 63 -1.15 5.30 -6.08
N ARG A 64 -0.59 6.34 -6.70
CA ARG A 64 -0.78 7.69 -6.15
C ARG A 64 -2.15 8.26 -6.51
N ASN A 65 -2.62 8.05 -7.75
CA ASN A 65 -3.90 8.63 -8.18
C ASN A 65 -5.11 7.88 -7.63
N TYR A 66 -5.02 6.56 -7.47
CA TYR A 66 -6.16 5.75 -7.02
C TYR A 66 -5.93 5.08 -5.67
N ILE A 67 -5.06 4.07 -5.60
CA ILE A 67 -5.12 3.11 -4.48
C ILE A 67 -4.87 3.80 -3.14
N THR A 68 -3.74 4.50 -2.99
CA THR A 68 -3.47 5.17 -1.73
C THR A 68 -4.50 6.26 -1.44
N GLY A 69 -5.18 6.78 -2.46
CA GLY A 69 -6.33 7.64 -2.21
C GLY A 69 -7.51 6.86 -1.68
N PHE A 70 -7.80 5.71 -2.30
CA PHE A 70 -8.91 4.86 -1.85
C PHE A 70 -8.74 4.45 -0.38
N THR A 71 -7.51 4.13 0.03
CA THR A 71 -7.24 3.75 1.41
C THR A 71 -7.27 4.93 2.35
N GLN A 72 -7.28 6.15 1.81
CA GLN A 72 -7.31 7.37 2.58
C GLN A 72 -6.06 7.50 3.45
N HIS A 73 -4.96 6.91 2.99
CA HIS A 73 -3.68 7.22 3.61
C HIS A 73 -3.26 8.63 3.22
N PHE A 74 -3.49 9.01 1.96
CA PHE A 74 -3.01 10.28 1.42
C PHE A 74 -4.15 11.05 0.78
N ALA A 75 -4.10 12.36 0.91
CA ALA A 75 -5.08 13.24 0.31
C ALA A 75 -4.49 14.64 0.24
N GLY A 76 -4.77 15.35 -0.85
CA GLY A 76 -4.42 16.75 -0.95
C GLY A 76 -3.61 17.12 -2.18
N GLY A 77 -2.78 16.19 -2.66
CA GLY A 77 -2.14 16.39 -3.94
C GLY A 77 -3.18 16.52 -5.04
N TRP A 78 -2.83 17.25 -6.09
CA TRP A 78 -3.79 17.45 -7.17
C TRP A 78 -4.20 16.11 -7.80
N ASN A 79 -3.25 15.20 -7.97
CA ASN A 79 -3.55 13.97 -8.70
C ASN A 79 -4.54 13.11 -7.94
N VAL A 80 -4.28 12.84 -6.66
CA VAL A 80 -5.20 11.98 -5.95
C VAL A 80 -6.55 12.66 -5.78
N THR A 81 -6.57 13.99 -5.75
CA THR A 81 -7.85 14.70 -5.69
C THR A 81 -8.61 14.55 -7.00
N ASN A 82 -7.89 14.58 -8.13
CA ASN A 82 -8.54 14.49 -9.44
C ASN A 82 -9.12 13.11 -9.68
N TYR A 83 -8.48 12.08 -9.17
CA TYR A 83 -8.86 10.73 -9.56
C TYR A 83 -9.63 10.05 -8.44
N ALA A 84 -8.93 9.56 -7.43
CA ALA A 84 -9.60 8.92 -6.30
C ALA A 84 -10.55 9.89 -5.60
N GLY A 85 -10.17 11.16 -5.47
CA GLY A 85 -11.00 12.10 -4.73
C GLY A 85 -12.31 12.40 -5.43
N ALA A 86 -12.28 12.44 -6.76
CA ALA A 86 -13.48 12.68 -7.56
C ALA A 86 -14.24 11.41 -7.89
N VAL A 87 -13.73 10.25 -7.45
CA VAL A 87 -14.27 8.95 -7.86
C VAL A 87 -14.36 8.94 -9.38
N HIS A 88 -13.26 9.26 -10.04
CA HIS A 88 -13.25 9.55 -11.47
C HIS A 88 -12.34 8.52 -12.18
N HIS A 89 -12.96 7.64 -12.94
CA HIS A 89 -12.23 6.64 -13.71
C HIS A 89 -11.62 7.24 -14.96
N GLU A 90 -10.40 6.85 -15.27
CA GLU A 90 -9.76 7.20 -16.53
C GLU A 90 -8.89 6.03 -16.93
N ASP A 91 -9.11 5.51 -18.13
CA ASP A 91 -8.50 4.25 -18.52
C ASP A 91 -6.99 4.29 -18.34
N ASP A 92 -6.35 5.38 -18.78
CA ASP A 92 -4.89 5.43 -18.79
C ASP A 92 -4.29 5.38 -17.39
N ILE A 93 -5.03 5.79 -16.37
CA ILE A 93 -4.56 5.67 -15.00
C ILE A 93 -4.86 4.30 -14.41
N ALA A 94 -6.05 3.78 -14.69
CA ALA A 94 -6.52 2.53 -14.08
C ALA A 94 -5.80 1.31 -14.63
N ARG A 95 -5.34 1.35 -15.88
CA ARG A 95 -4.84 0.17 -16.58
C ARG A 95 -3.42 -0.21 -16.21
N ARG A 96 -2.65 0.70 -15.62
CA ARG A 96 -1.19 0.56 -15.65
C ARG A 96 -0.71 -0.67 -14.89
N ILE A 97 -1.33 -0.96 -13.73
CA ILE A 97 -0.94 -2.16 -12.99
C ILE A 97 -1.05 -3.39 -13.90
N TRP A 98 -2.23 -3.59 -14.48
CA TRP A 98 -2.45 -4.66 -15.44
C TRP A 98 -1.41 -4.65 -16.57
N ASP A 99 -1.33 -3.54 -17.29
CA ASP A 99 -0.52 -3.49 -18.51
C ASP A 99 0.95 -3.70 -18.21
N ARG A 100 1.47 -3.08 -17.12
CA ARG A 100 2.89 -3.18 -16.87
C ARG A 100 3.28 -4.53 -16.27
N TYR A 101 2.46 -5.08 -15.35
CA TYR A 101 2.83 -6.39 -14.79
C TYR A 101 2.71 -7.50 -15.82
N TYR A 102 1.67 -7.45 -16.67
CA TYR A 102 1.56 -8.48 -17.71
C TYR A 102 2.67 -8.32 -18.74
N GLU A 103 2.98 -7.09 -19.14
CA GLU A 103 3.93 -6.92 -20.24
C GLU A 103 5.34 -7.34 -19.84
N VAL A 104 5.73 -7.09 -18.58
CA VAL A 104 7.11 -7.31 -18.12
C VAL A 104 7.17 -8.53 -17.20
N ALA A 105 6.69 -8.38 -15.96
CA ALA A 105 6.95 -9.38 -14.93
C ALA A 105 6.31 -10.73 -15.25
N ILE A 106 5.02 -10.73 -15.57
CA ILE A 106 4.35 -12.00 -15.83
C ILE A 106 4.95 -12.67 -17.05
N LYS A 107 5.21 -11.88 -18.11
CA LYS A 107 5.89 -12.41 -19.29
C LYS A 107 7.22 -13.06 -18.92
N ASN A 108 8.05 -12.33 -18.19
CA ASN A 108 9.37 -12.86 -17.84
C ASN A 108 9.24 -14.05 -16.89
N LEU A 109 8.35 -13.97 -15.90
CA LEU A 109 8.14 -15.08 -14.99
C LEU A 109 7.74 -16.36 -15.74
N VAL A 110 6.74 -16.28 -16.63
CA VAL A 110 6.28 -17.47 -17.32
C VAL A 110 7.39 -18.07 -18.19
N ASP A 111 8.08 -17.21 -18.94
CA ASP A 111 9.18 -17.70 -19.77
C ASP A 111 10.24 -18.37 -18.90
N ALA A 112 10.64 -17.71 -17.80
CA ALA A 112 11.64 -18.27 -16.90
C ALA A 112 11.15 -19.55 -16.24
N ILE A 113 9.87 -19.61 -15.88
CA ILE A 113 9.33 -20.83 -15.27
C ILE A 113 9.49 -21.99 -16.24
N HIS A 114 9.12 -21.76 -17.51
N HIS A 114 9.17 -21.76 -17.52
CA HIS A 114 9.29 -22.77 -18.54
CA HIS A 114 9.30 -22.83 -18.50
C HIS A 114 10.76 -23.17 -18.68
C HIS A 114 10.75 -23.13 -18.83
N LYS A 115 11.66 -22.19 -18.65
CA LYS A 115 13.07 -22.46 -18.85
C LYS A 115 13.77 -22.98 -17.61
N SER A 116 13.07 -23.31 -16.51
CA SER A 116 13.77 -23.61 -15.26
C SER A 116 13.37 -24.97 -14.65
N GLU A 117 12.86 -25.90 -15.44
CA GLU A 117 12.45 -27.17 -14.85
C GLU A 117 13.63 -27.96 -14.27
N ASP A 118 14.86 -27.71 -14.73
CA ASP A 118 16.03 -28.37 -14.17
C ASP A 118 16.63 -27.62 -12.98
N LYS A 119 16.07 -26.47 -12.61
CA LYS A 119 16.54 -25.66 -11.48
C LYS A 119 15.37 -25.46 -10.53
N ALA A 120 15.16 -26.45 -9.66
CA ALA A 120 13.92 -26.53 -8.90
C ALA A 120 13.80 -25.37 -7.91
N ASN A 121 14.92 -24.96 -7.30
CA ASN A 121 14.90 -23.84 -6.37
C ASN A 121 14.46 -22.56 -7.07
N LEU A 122 15.16 -22.19 -8.15
CA LEU A 122 14.76 -21.03 -8.93
C LEU A 122 13.33 -21.15 -9.43
N ASN A 123 12.98 -22.34 -9.96
CA ASN A 123 11.63 -22.55 -10.46
C ASN A 123 10.62 -22.23 -9.37
N ALA A 124 10.86 -22.70 -8.15
CA ALA A 124 9.90 -22.46 -7.08
C ALA A 124 9.84 -20.98 -6.74
N ALA A 125 10.98 -20.29 -6.78
CA ALA A 125 10.97 -18.87 -6.46
C ALA A 125 10.25 -18.06 -7.54
N LEU A 126 10.54 -18.35 -8.80
CA LEU A 126 9.79 -17.73 -9.91
C LEU A 126 8.29 -17.91 -9.71
N ARG A 127 7.87 -19.12 -9.37
CA ARG A 127 6.45 -19.42 -9.29
C ARG A 127 5.82 -18.76 -8.07
N ILE A 128 6.56 -18.61 -6.97
CA ILE A 128 6.00 -17.92 -5.81
C ILE A 128 5.77 -16.45 -6.13
N HIS A 129 6.72 -15.82 -6.82
CA HIS A 129 6.49 -14.43 -7.18
C HIS A 129 5.36 -14.29 -8.21
N ARG A 130 5.14 -15.30 -9.06
CA ARG A 130 3.99 -15.21 -9.95
C ARG A 130 2.68 -15.23 -9.16
N VAL A 131 2.53 -16.18 -8.23
CA VAL A 131 1.41 -16.15 -7.31
C VAL A 131 1.27 -14.77 -6.68
N TYR A 132 2.39 -14.21 -6.21
CA TYR A 132 2.33 -12.89 -5.55
C TYR A 132 1.69 -11.85 -6.47
N LEU A 133 2.25 -11.68 -7.67
CA LEU A 133 1.78 -10.62 -8.55
C LEU A 133 0.38 -10.91 -9.06
N LEU A 134 0.03 -12.19 -9.20
CA LEU A 134 -1.32 -12.53 -9.62
C LEU A 134 -2.30 -12.19 -8.51
N SER A 135 -1.92 -12.38 -7.25
CA SER A 135 -2.80 -11.96 -6.17
C SER A 135 -3.02 -10.44 -6.21
N VAL A 136 -1.98 -9.66 -6.46
CA VAL A 136 -2.17 -8.22 -6.61
C VAL A 136 -3.06 -7.92 -7.81
N LEU A 137 -2.81 -8.57 -8.94
CA LEU A 137 -3.61 -8.30 -10.13
C LEU A 137 -5.07 -8.64 -9.88
N ALA A 138 -5.33 -9.81 -9.28
CA ALA A 138 -6.71 -10.20 -9.01
C ALA A 138 -7.34 -9.30 -7.95
N ASP A 139 -6.59 -8.93 -6.89
CA ASP A 139 -7.20 -8.08 -5.88
C ASP A 139 -7.51 -6.70 -6.44
N THR A 140 -6.83 -6.29 -7.50
CA THR A 140 -7.04 -4.97 -8.09
C THR A 140 -8.22 -4.98 -9.06
N TYR A 141 -8.27 -5.97 -9.96
CA TYR A 141 -9.23 -5.97 -11.08
C TYR A 141 -10.34 -7.01 -10.97
N GLY A 142 -10.14 -8.07 -10.19
CA GLY A 142 -11.11 -9.14 -10.15
C GLY A 142 -10.63 -10.32 -10.97
N ASP A 143 -11.51 -10.96 -11.75
CA ASP A 143 -11.12 -12.05 -12.63
C ASP A 143 -10.01 -11.60 -13.56
N ILE A 144 -8.96 -12.40 -13.72
CA ILE A 144 -7.76 -12.02 -14.47
C ILE A 144 -7.14 -13.20 -15.22
N PRO A 145 -6.41 -12.96 -16.32
CA PRO A 145 -5.64 -14.05 -16.95
C PRO A 145 -4.61 -14.63 -16.00
N ALA A 146 -4.47 -15.96 -16.04
CA ALA A 146 -3.53 -16.63 -15.17
C ALA A 146 -3.22 -18.01 -15.70
N SER A 147 -4.13 -18.96 -15.48
CA SER A 147 -3.91 -20.32 -15.97
C SER A 147 -3.69 -20.37 -17.49
N GLU A 148 -4.23 -19.42 -18.24
CA GLU A 148 -3.99 -19.39 -19.69
C GLU A 148 -3.01 -18.32 -20.12
N ALA A 149 -2.41 -17.60 -19.18
CA ALA A 149 -1.37 -16.63 -19.50
C ALA A 149 -0.05 -17.41 -19.61
N GLY A 150 0.17 -17.99 -20.78
CA GLY A 150 1.32 -18.86 -21.01
C GLY A 150 2.21 -18.40 -22.15
N LEU A 151 2.92 -19.34 -22.77
CA LEU A 151 3.88 -18.99 -23.82
C LEU A 151 3.20 -18.33 -25.03
N GLY A 152 2.04 -18.82 -25.44
CA GLY A 152 1.34 -18.17 -26.53
C GLY A 152 0.99 -16.73 -26.20
N TYR A 153 0.37 -16.52 -25.05
CA TYR A 153 0.02 -15.18 -24.62
C TYR A 153 1.25 -14.30 -24.54
N ILE A 154 2.39 -14.86 -24.15
CA ILE A 154 3.65 -14.10 -24.10
C ILE A 154 4.01 -13.60 -25.49
N SER A 155 3.99 -14.51 -26.46
CA SER A 155 4.27 -14.19 -27.86
C SER A 155 3.19 -13.34 -28.52
N GLY A 156 2.13 -12.97 -27.80
CA GLY A 156 1.07 -12.16 -28.39
C GLY A 156 0.23 -12.87 -29.42
N ILE A 157 0.21 -14.21 -29.40
CA ILE A 157 -0.52 -14.97 -30.40
C ILE A 157 -1.70 -15.73 -29.80
N SER A 158 -1.97 -15.58 -28.52
CA SER A 158 -3.08 -16.28 -27.89
C SER A 158 -3.74 -15.39 -26.87
N ASN A 159 -5.03 -15.61 -26.69
CA ASN A 159 -5.92 -14.80 -25.87
C ASN A 159 -6.29 -15.58 -24.62
N PRO A 160 -5.93 -15.14 -23.42
CA PRO A 160 -6.28 -15.89 -22.21
C PRO A 160 -7.61 -15.47 -21.61
N LYS A 161 -8.40 -16.46 -21.22
CA LYS A 161 -9.60 -16.20 -20.46
C LYS A 161 -9.23 -15.59 -19.13
N TYR A 162 -10.23 -15.05 -18.44
CA TYR A 162 -10.06 -14.44 -17.14
C TYR A 162 -10.46 -15.47 -16.09
N ASP A 163 -9.47 -16.02 -15.38
CA ASP A 163 -9.76 -16.93 -14.27
C ASP A 163 -10.55 -16.21 -13.19
N THR A 164 -11.49 -16.92 -12.58
CA THR A 164 -12.33 -16.29 -11.56
C THR A 164 -11.53 -16.12 -10.29
N VAL A 165 -11.84 -15.04 -9.56
CA VAL A 165 -11.20 -14.78 -8.27
C VAL A 165 -11.24 -16.02 -7.39
N GLU A 166 -12.41 -16.66 -7.32
CA GLU A 166 -12.54 -17.87 -6.50
C GLU A 166 -11.58 -18.96 -6.97
N ASP A 167 -11.46 -19.17 -8.27
CA ASP A 167 -10.57 -20.22 -8.76
C ASP A 167 -9.11 -19.86 -8.50
N LEU A 168 -8.77 -18.57 -8.62
CA LEU A 168 -7.39 -18.16 -8.41
C LEU A 168 -6.96 -18.37 -6.96
N TYR A 169 -7.78 -17.94 -6.01
CA TYR A 169 -7.44 -18.12 -4.60
C TYR A 169 -7.31 -19.59 -4.26
N GLY A 170 -8.20 -20.44 -4.81
CA GLY A 170 -8.01 -21.88 -4.69
C GLY A 170 -6.63 -22.31 -5.15
N TRP A 171 -6.18 -21.78 -6.29
CA TRP A 171 -4.89 -22.16 -6.86
C TRP A 171 -3.72 -21.58 -6.07
N PHE A 172 -3.90 -20.39 -5.47
CA PHE A 172 -2.85 -19.82 -4.64
C PHE A 172 -2.40 -20.80 -3.56
N PHE A 173 -3.36 -21.39 -2.84
CA PHE A 173 -3.02 -22.34 -1.78
C PHE A 173 -2.29 -23.55 -2.34
N THR A 174 -2.83 -24.11 -3.42
CA THR A 174 -2.27 -25.30 -4.05
C THR A 174 -0.87 -25.05 -4.60
N GLU A 175 -0.72 -23.98 -5.38
CA GLU A 175 0.58 -23.67 -5.95
C GLU A 175 1.60 -23.31 -4.86
N LEU A 176 1.19 -22.56 -3.84
CA LEU A 176 2.16 -22.20 -2.79
C LEU A 176 2.59 -23.43 -2.00
N ASP A 177 1.65 -24.33 -1.70
CA ASP A 177 2.00 -25.60 -1.06
C ASP A 177 3.01 -26.38 -1.90
N ALA A 178 2.77 -26.47 -3.21
CA ALA A 178 3.70 -27.17 -4.10
C ALA A 178 5.08 -26.49 -4.13
N CYS A 179 5.11 -25.17 -4.26
CA CYS A 179 6.39 -24.47 -4.31
C CYS A 179 7.15 -24.59 -3.00
N GLU A 180 6.41 -24.47 -1.90
CA GLU A 180 7.02 -24.53 -0.58
C GLU A 180 7.75 -25.87 -0.40
N GLN A 181 7.17 -26.97 -0.91
CA GLN A 181 7.87 -28.25 -0.78
C GLN A 181 8.97 -28.39 -1.80
N GLN A 182 8.82 -27.76 -2.97
CA GLN A 182 9.84 -27.86 -4.00
C GLN A 182 11.11 -27.14 -3.58
N LEU A 183 10.98 -25.98 -2.93
CA LEU A 183 12.13 -25.24 -2.43
C LEU A 183 13.08 -26.16 -1.67
N GLY A 184 14.36 -26.11 -2.05
CA GLY A 184 15.36 -26.94 -1.40
C GLY A 184 15.49 -28.34 -1.94
N THR A 185 14.64 -28.74 -2.90
CA THR A 185 14.85 -29.99 -3.62
C THR A 185 15.83 -29.84 -4.78
N GLY A 186 16.21 -28.61 -5.13
CA GLY A 186 17.26 -28.41 -6.11
C GLY A 186 18.59 -28.08 -5.43
N THR A 187 19.66 -28.16 -6.21
CA THR A 187 20.97 -27.69 -5.76
C THR A 187 21.32 -26.33 -6.35
N ASP A 188 20.46 -25.79 -7.21
CA ASP A 188 20.75 -24.54 -7.89
C ASP A 188 20.67 -23.35 -6.93
N HIS A 189 21.55 -22.38 -7.17
CA HIS A 189 21.58 -21.13 -6.42
C HIS A 189 20.64 -20.11 -7.06
N ILE A 190 19.71 -19.57 -6.26
CA ILE A 190 18.80 -18.52 -6.73
C ILE A 190 19.54 -17.19 -6.79
N SER A 191 20.42 -17.02 -7.78
CA SER A 191 21.28 -15.85 -7.83
C SER A 191 20.56 -14.59 -8.30
N GLY A 192 19.39 -14.73 -8.93
CA GLY A 192 18.62 -13.56 -9.31
C GLY A 192 17.81 -12.92 -8.21
N ASP A 193 17.84 -13.49 -7.01
CA ASP A 193 17.04 -12.99 -5.90
C ASP A 193 17.57 -11.63 -5.45
N VAL A 194 16.68 -10.64 -5.37
CA VAL A 194 17.00 -9.33 -4.83
C VAL A 194 16.17 -9.01 -3.61
N THR A 195 15.53 -10.01 -3.02
CA THR A 195 14.76 -9.81 -1.81
C THR A 195 15.65 -10.01 -0.57
N SER A 196 15.06 -9.65 0.58
CA SER A 196 15.70 -9.93 1.86
C SER A 196 15.88 -11.43 2.09
N MET A 197 15.21 -12.28 1.32
CA MET A 197 15.45 -13.70 1.48
C MET A 197 16.85 -14.09 1.05
N GLY A 198 17.51 -13.27 0.26
CA GLY A 198 18.89 -13.54 -0.16
C GLY A 198 19.16 -14.96 -0.59
N GLY A 199 18.29 -15.54 -1.41
CA GLY A 199 18.53 -16.87 -1.94
C GLY A 199 18.38 -18.01 -0.97
N ASP A 200 17.97 -17.74 0.27
CA ASP A 200 17.88 -18.77 1.30
C ASP A 200 16.56 -19.50 1.17
N VAL A 201 16.62 -20.80 0.85
CA VAL A 201 15.38 -21.52 0.56
C VAL A 201 14.49 -21.57 1.80
N ALA A 202 15.10 -21.65 2.99
CA ALA A 202 14.31 -21.67 4.22
C ALA A 202 13.50 -20.39 4.38
N LYS A 203 14.06 -19.27 3.94
CA LYS A 203 13.36 -18.00 4.04
C LYS A 203 12.27 -17.89 3.00
N TRP A 204 12.48 -18.45 1.82
CA TRP A 204 11.42 -18.48 0.82
C TRP A 204 10.27 -19.37 1.30
N LYS A 205 10.59 -20.46 1.99
CA LYS A 205 9.55 -21.33 2.54
C LYS A 205 8.66 -20.58 3.52
N LYS A 206 9.26 -19.91 4.51
CA LYS A 206 8.50 -19.09 5.44
C LYS A 206 7.68 -18.02 4.72
N TYR A 207 8.22 -17.47 3.64
CA TYR A 207 7.48 -16.47 2.86
C TYR A 207 6.26 -17.09 2.21
N ALA A 208 6.42 -18.24 1.56
CA ALA A 208 5.29 -18.92 0.93
C ALA A 208 4.22 -19.25 1.98
N ASN A 209 4.64 -19.74 3.15
CA ASN A 209 3.66 -20.08 4.18
C ASN A 209 2.96 -18.83 4.72
N SER A 210 3.70 -17.73 4.86
CA SER A 210 3.08 -16.49 5.33
C SER A 210 2.06 -15.96 4.33
N LEU A 211 2.37 -16.06 3.03
CA LEU A 211 1.38 -15.69 2.01
C LEU A 211 0.16 -16.60 2.07
N ARG A 212 0.37 -17.88 2.38
CA ARG A 212 -0.79 -18.74 2.58
C ARG A 212 -1.65 -18.22 3.71
N MET A 213 -1.02 -17.80 4.81
CA MET A 213 -1.81 -17.26 5.93
C MET A 213 -2.55 -15.99 5.52
N ARG A 214 -1.91 -15.14 4.72
CA ARG A 214 -2.59 -13.93 4.24
C ARG A 214 -3.83 -14.28 3.42
N TYR A 215 -3.67 -15.19 2.46
CA TYR A 215 -4.78 -15.53 1.58
C TYR A 215 -5.88 -16.26 2.35
N ALA A 216 -5.49 -17.08 3.33
CA ALA A 216 -6.49 -17.80 4.13
C ALA A 216 -7.37 -16.81 4.91
N MET A 217 -6.77 -15.77 5.48
CA MET A 217 -7.56 -14.71 6.10
C MET A 217 -8.43 -13.97 5.09
N ARG A 218 -7.92 -13.77 3.86
CA ARG A 218 -8.68 -13.01 2.87
C ARG A 218 -10.01 -13.69 2.56
N ILE A 219 -10.02 -15.01 2.51
CA ILE A 219 -11.21 -15.75 2.10
C ILE A 219 -12.06 -16.13 3.30
N SER A 220 -11.67 -15.66 4.49
CA SER A 220 -12.31 -16.14 5.72
C SER A 220 -13.75 -15.69 5.88
N ASP A 221 -14.22 -14.71 5.10
CA ASP A 221 -15.64 -14.36 5.10
C ASP A 221 -16.42 -15.22 4.11
N VAL A 222 -15.91 -15.34 2.89
CA VAL A 222 -16.65 -16.05 1.85
C VAL A 222 -16.53 -17.57 2.01
N ASN A 223 -15.43 -18.07 2.57
CA ASN A 223 -15.28 -19.51 2.78
C ASN A 223 -14.61 -19.72 4.12
N PRO A 224 -15.37 -19.56 5.22
CA PRO A 224 -14.77 -19.65 6.56
C PRO A 224 -14.03 -20.95 6.82
N SER A 225 -14.57 -22.09 6.38
CA SER A 225 -13.93 -23.35 6.74
C SER A 225 -12.63 -23.54 5.98
N LYS A 226 -12.59 -23.19 4.69
CA LYS A 226 -11.35 -23.28 3.92
C LYS A 226 -10.32 -22.28 4.43
N GLY A 227 -10.76 -21.07 4.75
CA GLY A 227 -9.85 -20.10 5.34
C GLY A 227 -9.22 -20.60 6.62
N GLN A 228 -10.03 -21.17 7.51
CA GLN A 228 -9.50 -21.78 8.72
C GLN A 228 -8.51 -22.90 8.39
N GLU A 229 -8.92 -23.83 7.51
CA GLU A 229 -8.08 -24.98 7.20
C GLU A 229 -6.77 -24.54 6.55
N GLU A 230 -6.83 -23.66 5.56
CA GLU A 230 -5.61 -23.21 4.90
C GLU A 230 -4.71 -22.41 5.84
N PHE A 231 -5.29 -21.62 6.75
CA PHE A 231 -4.49 -20.82 7.67
C PHE A 231 -3.71 -21.70 8.64
N GLU A 232 -4.42 -22.60 9.34
CA GLU A 232 -3.76 -23.47 10.31
C GLU A 232 -2.80 -24.45 9.63
N LYS A 233 -3.10 -24.86 8.40
CA LYS A 233 -2.16 -25.69 7.65
C LYS A 233 -0.82 -24.99 7.50
N ALA A 234 -0.86 -23.72 7.05
CA ALA A 234 0.38 -22.96 6.89
C ALA A 234 0.99 -22.62 8.23
N MET A 235 0.16 -22.24 9.20
CA MET A 235 0.69 -21.80 10.49
C MET A 235 1.41 -22.94 11.20
N ASN A 236 0.89 -24.16 11.05
CA ASN A 236 1.48 -25.31 11.73
C ASN A 236 2.55 -25.99 10.91
N HIS A 237 2.91 -25.43 9.76
CA HIS A 237 3.85 -26.10 8.87
C HIS A 237 5.21 -26.30 9.51
N ALA A 238 5.84 -27.44 9.20
CA ALA A 238 7.14 -27.77 9.77
C ALA A 238 8.19 -26.70 9.47
N ASP A 239 8.11 -26.08 8.29
CA ASP A 239 9.13 -25.12 7.88
C ASP A 239 8.86 -23.72 8.41
N GLY A 240 7.75 -23.51 9.11
CA GLY A 240 7.49 -22.26 9.78
C GLY A 240 7.04 -21.16 8.84
N TYR A 241 6.83 -19.99 9.43
CA TYR A 241 6.37 -18.81 8.73
C TYR A 241 7.20 -17.64 9.23
N ILE A 242 6.86 -16.44 8.76
CA ILE A 242 7.59 -15.24 9.14
C ILE A 242 7.15 -14.87 10.56
N ALA A 243 7.99 -15.19 11.55
CA ALA A 243 7.64 -15.01 12.95
C ALA A 243 8.33 -13.82 13.60
N SER A 244 9.41 -13.31 13.02
CA SER A 244 10.05 -12.10 13.50
C SER A 244 10.52 -11.29 12.29
N ALA A 245 10.83 -10.02 12.54
CA ALA A 245 11.25 -9.15 11.45
C ALA A 245 12.50 -9.66 10.75
N ALA A 246 13.31 -10.48 11.43
CA ALA A 246 14.47 -11.09 10.77
C ALA A 246 14.08 -11.82 9.50
N ASP A 247 12.83 -12.28 9.41
CA ASP A 247 12.38 -13.05 8.26
C ASP A 247 11.42 -12.29 7.34
N ASP A 248 11.27 -10.97 7.55
CA ASP A 248 10.43 -10.16 6.69
C ASP A 248 10.80 -10.36 5.23
N ALA A 249 9.79 -10.40 4.38
CA ALA A 249 9.98 -10.53 2.95
C ALA A 249 9.78 -9.17 2.30
N TYR A 250 10.80 -8.68 1.60
CA TYR A 250 10.71 -7.39 0.95
C TYR A 250 11.73 -7.36 -0.17
N ILE A 251 11.46 -6.56 -1.18
CA ILE A 251 12.39 -6.37 -2.29
C ILE A 251 13.37 -5.27 -1.90
N LYS A 252 14.65 -5.45 -2.24
CA LYS A 252 15.69 -4.49 -1.84
C LYS A 252 16.01 -3.55 -2.99
N TYR A 253 15.80 -2.26 -2.77
CA TYR A 253 16.00 -1.27 -3.82
C TYR A 253 17.30 -0.53 -3.58
N ALA A 254 17.79 0.11 -4.63
CA ALA A 254 19.13 0.68 -4.62
C ALA A 254 19.09 2.15 -4.21
N ASP A 255 20.14 2.55 -3.51
CA ASP A 255 20.37 3.94 -3.13
C ASP A 255 21.11 4.66 -4.26
N SER A 256 20.38 4.92 -5.34
CA SER A 256 20.89 5.63 -6.51
C SER A 256 19.86 6.67 -6.90
N PRO A 257 20.21 7.60 -7.80
CA PRO A 257 19.29 8.71 -8.06
C PRO A 257 18.05 8.26 -8.80
N TYR A 258 17.00 9.04 -8.59
CA TYR A 258 15.78 8.91 -9.38
C TYR A 258 16.06 9.13 -10.87
N ASP A 268 14.67 1.93 -14.12
CA ASP A 268 14.90 0.61 -14.69
C ASP A 268 14.76 -0.44 -13.58
N PHE A 269 13.92 -0.07 -12.62
CA PHE A 269 13.42 -0.91 -11.55
C PHE A 269 14.44 -1.04 -10.44
N ARG A 270 15.61 -0.38 -10.52
CA ARG A 270 16.59 -0.51 -9.43
C ARG A 270 16.18 0.29 -8.21
N THR A 271 15.42 1.37 -8.38
CA THR A 271 15.01 2.21 -7.27
C THR A 271 13.53 2.03 -6.97
N ASN A 272 13.15 2.30 -5.72
CA ASN A 272 11.75 2.21 -5.33
C ASN A 272 10.97 3.37 -5.94
N ALA A 273 10.17 3.07 -6.95
CA ALA A 273 9.41 4.10 -7.67
C ALA A 273 8.16 4.54 -6.94
N LEU A 274 7.66 3.77 -5.97
CA LEU A 274 6.53 4.24 -5.18
C LEU A 274 6.93 5.46 -4.36
N GLY A 275 8.06 5.37 -3.67
CA GLY A 275 8.61 6.55 -3.02
C GLY A 275 8.86 7.67 -4.01
N GLU A 276 9.34 7.33 -5.20
CA GLU A 276 9.61 8.37 -6.18
C GLU A 276 8.34 9.16 -6.50
N ILE A 277 7.25 8.46 -6.85
CA ILE A 277 6.05 9.21 -7.23
C ILE A 277 5.43 9.88 -6.00
N LEU A 278 5.61 9.30 -4.82
CA LEU A 278 5.12 9.98 -3.62
C LEU A 278 5.92 11.24 -3.34
N TYR A 279 7.23 11.23 -3.65
CA TYR A 279 8.03 12.45 -3.51
C TYR A 279 7.60 13.52 -4.51
N GLY A 280 6.94 13.12 -5.60
CA GLY A 280 6.49 14.06 -6.61
C GLY A 280 7.60 14.42 -7.57
N GLN A 281 7.23 14.79 -8.79
CA GLN A 281 8.24 15.09 -9.79
C GLN A 281 8.66 16.56 -9.79
N ASP A 282 8.08 17.38 -8.92
CA ASP A 282 8.56 18.74 -8.70
C ASP A 282 8.15 19.16 -7.30
N PRO A 283 8.86 20.14 -6.71
CA PRO A 283 8.63 20.44 -5.28
C PRO A 283 7.23 20.95 -4.97
N SER A 284 6.43 21.30 -5.99
CA SER A 284 5.06 21.70 -5.71
C SER A 284 4.10 20.53 -5.60
N SER A 285 4.57 19.29 -5.74
CA SER A 285 3.70 18.11 -5.67
C SER A 285 4.17 17.10 -4.62
N PRO A 286 4.33 17.50 -3.36
CA PRO A 286 4.60 16.50 -2.33
C PRO A 286 3.33 15.73 -2.03
N THR A 287 3.49 14.59 -1.35
CA THR A 287 2.35 13.78 -0.96
C THR A 287 1.85 14.28 0.39
N PHE A 288 0.58 14.70 0.43
CA PHE A 288 -0.04 15.19 1.65
C PHE A 288 -0.74 14.06 2.37
N VAL A 289 -0.65 14.06 3.69
CA VAL A 289 -1.26 13.01 4.51
C VAL A 289 -2.72 13.36 4.76
N SER A 290 -3.59 12.36 4.63
CA SER A 290 -5.01 12.63 4.71
C SER A 290 -5.43 12.90 6.15
N SER A 291 -6.59 13.52 6.31
CA SER A 291 -7.12 13.71 7.65
C SER A 291 -7.52 12.40 8.28
N THR A 292 -7.90 11.41 7.47
CA THR A 292 -8.22 10.10 8.02
C THR A 292 -7.01 9.52 8.77
N LEU A 293 -5.85 9.54 8.12
CA LEU A 293 -4.65 9.00 8.75
C LEU A 293 -4.19 9.90 9.88
N PHE A 294 -4.16 11.21 9.62
CA PHE A 294 -3.76 12.14 10.68
C PHE A 294 -4.61 11.96 11.92
N TYR A 295 -5.93 11.85 11.75
CA TYR A 295 -6.76 11.79 12.95
C TYR A 295 -6.73 10.41 13.60
N GLN A 296 -6.51 9.34 12.82
CA GLN A 296 -6.28 8.05 13.45
C GLN A 296 -5.04 8.09 14.35
N LEU A 297 -3.97 8.75 13.89
CA LEU A 297 -2.75 8.81 14.67
C LEU A 297 -2.92 9.73 15.87
N GLN A 298 -3.35 10.97 15.63
CA GLN A 298 -3.49 11.92 16.74
C GLN A 298 -4.47 11.42 17.80
N ASN A 299 -5.66 10.97 17.38
CA ASN A 299 -6.69 10.64 18.37
C ASN A 299 -6.36 9.42 19.21
N THR A 300 -5.35 8.64 18.84
CA THR A 300 -4.97 7.48 19.63
C THR A 300 -3.63 7.68 20.32
N GLY A 301 -3.07 8.89 20.30
CA GLY A 301 -1.78 9.12 20.94
C GLY A 301 -0.65 8.36 20.27
N ASP A 302 -0.71 8.21 18.95
CA ASP A 302 0.21 7.34 18.25
C ASP A 302 1.54 8.04 18.07
N PRO A 303 2.63 7.53 18.63
CA PRO A 303 3.94 8.17 18.41
C PRO A 303 4.31 8.28 16.94
N ARG A 304 3.60 7.56 16.06
CA ARG A 304 3.83 7.65 14.62
C ARG A 304 3.29 8.92 13.99
N LEU A 305 2.53 9.73 14.75
CA LEU A 305 1.94 10.95 14.21
C LEU A 305 2.98 11.80 13.47
N TYR A 306 4.03 12.25 14.16
CA TYR A 306 5.01 13.11 13.50
C TYR A 306 6.27 12.36 13.10
N ARG A 307 6.19 11.05 12.97
CA ARG A 307 7.14 10.30 12.15
C ARG A 307 6.62 10.20 10.73
N ILE A 308 5.31 9.97 10.57
CA ILE A 308 4.72 9.93 9.24
C ILE A 308 4.48 11.34 8.70
N CYS A 309 3.99 12.24 9.55
CA CYS A 309 3.69 13.62 9.17
C CYS A 309 4.85 14.55 9.52
N ARG A 310 5.27 15.36 8.54
CA ARG A 310 6.20 16.47 8.76
C ARG A 310 5.69 17.67 7.96
N HIS A 311 6.23 18.85 8.26
CA HIS A 311 5.92 20.08 7.51
C HIS A 311 7.18 20.54 6.78
N TYR A 312 7.08 20.69 5.46
CA TYR A 312 8.23 20.97 4.60
C TYR A 312 8.04 22.27 3.82
N TYR A 313 9.12 23.04 3.75
CA TYR A 313 9.32 24.10 2.76
C TYR A 313 10.46 23.62 1.88
N ASN A 314 10.15 23.29 0.61
CA ASN A 314 10.97 22.38 -0.19
C ASN A 314 11.28 22.94 -1.57
N ILE A 315 11.40 24.26 -1.69
CA ILE A 315 11.50 24.86 -3.02
C ILE A 315 12.81 24.47 -3.71
N LYS A 316 13.92 24.41 -2.96
CA LYS A 316 15.23 24.06 -3.51
C LYS A 316 15.59 22.58 -3.34
N ARG A 317 14.61 21.73 -3.03
CA ARG A 317 14.90 20.32 -2.83
C ARG A 317 15.46 19.68 -4.09
N SER A 318 16.24 18.63 -3.90
CA SER A 318 16.80 17.90 -5.02
C SER A 318 15.71 17.08 -5.71
N GLN A 319 15.92 16.82 -7.01
CA GLN A 319 15.02 15.94 -7.72
C GLN A 319 15.67 14.61 -8.09
N VAL A 320 16.94 14.39 -7.73
CA VAL A 320 17.58 13.11 -7.99
C VAL A 320 17.52 12.23 -6.75
N LYS A 321 17.48 12.85 -5.57
CA LYS A 321 17.35 12.08 -4.34
C LYS A 321 16.93 13.03 -3.21
N PRO A 322 15.93 12.68 -2.42
CA PRO A 322 15.44 13.58 -1.37
C PRO A 322 16.54 13.96 -0.40
N ASP A 323 16.66 15.25 -0.12
CA ASP A 323 17.75 15.78 0.69
C ASP A 323 17.19 16.46 1.94
N LYS A 324 17.85 16.24 3.07
CA LYS A 324 17.46 16.94 4.28
C LYS A 324 17.77 18.43 4.21
N GLU A 325 18.80 18.80 3.44
CA GLU A 325 19.24 20.20 3.40
C GLU A 325 18.12 21.12 2.93
N GLN A 326 17.46 20.79 1.82
CA GLN A 326 16.49 21.72 1.23
C GLN A 326 15.05 21.23 1.26
N ASN A 327 14.80 20.01 1.73
CA ASN A 327 13.47 19.65 2.22
C ASN A 327 13.44 20.14 3.67
N ILE A 328 13.24 21.45 3.81
CA ILE A 328 13.42 22.10 5.10
C ILE A 328 12.28 21.67 6.02
N ASP A 329 12.62 20.88 7.03
CA ASP A 329 11.66 20.28 7.95
C ASP A 329 11.37 21.29 9.05
N LEU A 330 10.23 21.97 8.95
CA LEU A 330 9.84 22.97 9.92
C LEU A 330 8.78 22.45 10.90
N THR A 331 8.71 21.13 11.11
CA THR A 331 7.59 20.56 11.85
C THR A 331 7.45 21.19 13.23
N ASP A 332 8.55 21.18 14.02
CA ASP A 332 8.47 21.71 15.37
C ASP A 332 8.10 23.18 15.38
N GLU A 333 8.65 23.95 14.43
CA GLU A 333 8.34 25.37 14.38
C GLU A 333 6.90 25.60 13.96
N VAL A 334 6.38 24.75 13.06
CA VAL A 334 4.96 24.84 12.71
C VAL A 334 4.11 24.56 13.94
N LEU A 335 4.41 23.48 14.66
CA LEU A 335 3.60 23.16 15.82
C LEU A 335 3.69 24.25 16.89
N ALA A 336 4.91 24.76 17.14
CA ALA A 336 5.03 25.89 18.07
C ALA A 336 4.17 27.07 17.63
N TYR A 337 3.98 27.24 16.32
CA TYR A 337 3.13 28.32 15.82
C TYR A 337 1.66 28.02 16.11
N PHE A 338 1.22 26.80 15.82
CA PHE A 338 -0.14 26.40 16.17
C PHE A 338 -0.40 26.66 17.65
N GLN A 339 0.55 26.26 18.50
CA GLN A 339 0.30 26.34 19.93
C GLN A 339 0.22 27.79 20.39
N ARG A 340 1.05 28.66 19.82
CA ARG A 340 0.99 30.08 20.18
C ARG A 340 -0.37 30.69 19.87
N ASN A 341 -1.03 30.24 18.80
CA ASN A 341 -2.22 30.91 18.30
C ASN A 341 -3.51 30.17 18.62
N ASN A 342 -3.46 29.17 19.50
CA ASN A 342 -4.65 28.37 19.83
C ASN A 342 -5.35 27.83 18.58
N ILE A 343 -4.54 27.43 17.59
CA ILE A 343 -5.04 26.79 16.38
C ILE A 343 -4.37 25.42 16.28
N GLY A 344 -4.63 24.69 15.20
CA GLY A 344 -4.02 23.38 15.05
C GLY A 344 -4.01 22.93 13.61
N GLU A 345 -3.60 21.67 13.42
CA GLU A 345 -3.46 21.12 12.06
C GLU A 345 -4.80 21.09 11.34
N GLU A 346 -4.75 21.18 10.00
CA GLU A 346 -5.90 20.89 9.12
C GLU A 346 -5.42 19.95 8.02
N PRO A 347 -5.28 18.66 8.32
CA PRO A 347 -4.87 17.73 7.29
C PRO A 347 -5.92 17.64 6.18
N CYS A 348 -5.45 17.55 4.94
CA CYS A 348 -6.36 17.59 3.81
C CYS A 348 -7.36 16.45 3.87
N ASN A 349 -8.63 16.77 3.65
CA ASN A 349 -9.68 15.76 3.56
C ASN A 349 -9.59 15.01 2.24
N THR A 350 -9.83 13.71 2.28
CA THR A 350 -10.10 12.96 1.05
C THR A 350 -11.10 13.73 0.22
N GLY A 351 -10.84 13.84 -1.08
CA GLY A 351 -11.66 14.60 -1.98
C GLY A 351 -11.27 16.06 -2.14
N SER A 352 -10.43 16.59 -1.24
CA SER A 352 -10.01 17.99 -1.32
C SER A 352 -8.53 18.07 -1.63
N ALA A 353 -8.12 19.17 -2.27
CA ALA A 353 -6.72 19.46 -2.52
C ALA A 353 -6.19 20.44 -1.47
N TRP A 354 -4.86 20.52 -1.38
CA TRP A 354 -4.24 21.38 -0.36
C TRP A 354 -4.71 22.83 -0.50
N TYR A 355 -5.02 23.27 -1.71
CA TYR A 355 -5.49 24.63 -1.93
C TYR A 355 -7.01 24.79 -1.77
N GLU A 356 -7.71 23.73 -1.41
CA GLU A 356 -9.12 23.79 -1.05
C GLU A 356 -9.26 23.63 0.46
N ASN A 357 -10.44 23.96 0.98
CA ASN A 357 -10.62 24.11 2.41
C ASN A 357 -9.46 24.93 2.97
N TRP A 358 -9.31 26.12 2.38
CA TRP A 358 -8.14 26.94 2.54
C TRP A 358 -7.81 27.17 4.01
N MET A 359 -6.61 26.74 4.38
CA MET A 359 -6.04 27.02 5.68
C MET A 359 -5.25 28.31 5.65
N ASN A 360 -5.36 29.10 6.72
CA ASN A 360 -4.61 30.36 6.83
CA ASN A 360 -4.61 30.36 6.82
C ASN A 360 -3.12 30.09 6.73
N VAL A 361 -2.43 30.91 5.94
CA VAL A 361 -1.00 30.72 5.69
C VAL A 361 -0.20 31.62 6.61
N ALA A 362 0.70 31.04 7.40
CA ALA A 362 1.51 31.80 8.33
C ALA A 362 2.63 32.54 7.61
N ASP A 363 2.92 33.76 8.05
CA ASP A 363 4.05 34.48 7.52
C ASP A 363 5.36 33.77 7.88
N ALA A 364 6.39 33.99 7.05
CA ALA A 364 7.70 33.42 7.33
C ALA A 364 8.19 33.78 8.73
N ALA A 365 7.85 34.99 9.20
CA ALA A 365 8.27 35.43 10.53
C ALA A 365 7.82 34.46 11.61
N GLU A 366 6.74 33.71 11.36
CA GLU A 366 6.22 32.78 12.36
C GLU A 366 7.16 31.62 12.64
N PHE A 367 8.08 31.33 11.73
CA PHE A 367 8.98 30.19 11.85
C PHE A 367 10.41 30.69 11.85
N PRO A 368 11.13 30.64 12.97
CA PRO A 368 12.44 31.29 13.02
C PRO A 368 13.42 30.81 11.96
N THR A 369 13.42 29.51 11.64
CA THR A 369 14.33 29.04 10.60
C THR A 369 13.99 29.66 9.24
N LEU A 370 12.72 29.64 8.86
CA LEU A 370 12.35 30.22 7.58
C LEU A 370 12.45 31.74 7.63
N ALA A 371 12.19 32.33 8.79
CA ALA A 371 12.34 33.76 8.97
C ALA A 371 13.74 34.22 8.56
N LYS A 372 14.77 33.64 9.16
CA LYS A 372 16.12 34.11 8.86
C LYS A 372 16.51 33.82 7.42
N LEU A 373 15.93 32.76 6.82
CA LEU A 373 16.22 32.49 5.42
C LEU A 373 15.39 33.38 4.49
N ALA A 374 14.15 33.69 4.87
CA ALA A 374 13.40 34.69 4.12
C ALA A 374 14.12 36.03 4.11
N GLU A 375 14.78 36.39 5.22
CA GLU A 375 15.50 37.66 5.30
C GLU A 375 16.79 37.63 4.49
N GLN A 376 17.37 36.45 4.29
CA GLN A 376 18.54 36.33 3.42
C GLN A 376 18.13 36.40 1.96
N ASP A 377 17.03 35.73 1.60
CA ASP A 377 16.65 35.54 0.20
C ASP A 377 15.15 35.29 0.19
N ALA A 378 14.38 36.33 -0.10
CA ALA A 378 12.92 36.27 0.01
C ALA A 378 12.27 35.63 -1.21
N ASN A 379 12.92 35.68 -2.38
CA ASN A 379 12.39 34.97 -3.54
C ASN A 379 12.36 33.48 -3.27
N SER A 380 13.45 32.94 -2.71
CA SER A 380 13.48 31.52 -2.35
C SER A 380 12.52 31.23 -1.21
N TYR A 381 12.68 31.91 -0.08
CA TYR A 381 12.15 31.42 1.19
C TYR A 381 10.95 32.19 1.71
N ASP A 382 10.44 33.19 0.98
CA ASP A 382 9.20 33.86 1.36
C ASP A 382 8.12 33.68 0.31
N ASN A 383 8.21 32.61 -0.49
CA ASN A 383 7.21 32.31 -1.49
C ASN A 383 5.92 31.86 -0.82
N SER A 384 4.81 32.51 -1.18
CA SER A 384 3.57 32.25 -0.47
C SER A 384 2.96 30.90 -0.82
N ASP A 385 3.21 30.39 -2.04
CA ASP A 385 2.70 29.07 -2.41
C ASP A 385 3.37 27.98 -1.58
N TYR A 386 4.70 28.06 -1.47
CA TYR A 386 5.44 27.07 -0.70
C TYR A 386 5.18 27.21 0.79
N ARG A 387 4.88 28.43 1.26
CA ARG A 387 4.40 28.59 2.64
C ARG A 387 3.05 27.91 2.82
N ALA A 388 2.19 27.96 1.80
CA ALA A 388 0.87 27.35 1.92
C ALA A 388 0.99 25.84 2.09
N ARG A 389 1.82 25.19 1.26
CA ARG A 389 1.96 23.75 1.37
C ARG A 389 2.73 23.35 2.61
N LEU A 390 3.51 24.28 3.19
CA LEU A 390 4.16 24.04 4.47
C LEU A 390 3.14 23.86 5.58
N MET A 391 1.97 24.49 5.45
CA MET A 391 0.98 24.47 6.53
C MET A 391 0.41 23.07 6.73
N ARG A 392 0.29 22.23 5.63
CA ARG A 392 -0.35 20.91 5.64
C ARG A 392 0.65 19.84 6.04
N PRO A 393 0.23 18.77 6.73
CA PRO A 393 1.17 17.67 7.01
C PRO A 393 1.48 16.89 5.75
N CYS A 394 2.77 16.68 5.50
CA CYS A 394 3.20 15.90 4.35
C CYS A 394 3.89 14.62 4.81
N LEU A 395 3.95 13.65 3.90
CA LEU A 395 4.65 12.42 4.19
C LEU A 395 6.14 12.67 4.39
N ASN A 396 6.71 12.12 5.46
CA ASN A 396 8.15 12.17 5.68
C ASN A 396 8.87 11.69 4.43
N ILE A 397 9.91 12.41 4.02
CA ILE A 397 10.71 11.98 2.88
C ILE A 397 11.44 10.67 3.15
N ASP A 398 11.56 10.27 4.42
CA ASP A 398 12.11 8.95 4.72
C ASP A 398 11.33 7.87 3.99
N PHE A 399 10.03 8.05 3.81
CA PHE A 399 9.20 7.08 3.09
C PHE A 399 9.29 7.23 1.58
N GLU A 400 10.13 8.13 1.09
CA GLU A 400 10.15 8.46 -0.32
C GLU A 400 11.54 8.29 -0.92
N MET A 401 12.43 7.60 -0.20
CA MET A 401 13.81 7.41 -0.66
C MET A 401 13.87 6.30 -1.71
N PRO A 402 14.77 6.40 -2.68
CA PRO A 402 14.89 5.35 -3.68
C PRO A 402 15.23 3.99 -3.10
N SER A 403 15.89 3.94 -1.95
CA SER A 403 16.29 2.69 -1.31
C SER A 403 15.27 2.17 -0.33
N CYS A 404 14.08 2.76 -0.28
CA CYS A 404 13.05 2.22 0.59
C CYS A 404 12.71 0.79 0.14
N PRO A 405 12.39 -0.10 1.08
CA PRO A 405 12.13 -1.48 0.71
C PRO A 405 10.81 -1.58 -0.04
N GLY A 406 10.68 -2.68 -0.76
CA GLY A 406 9.41 -3.02 -1.41
C GLY A 406 8.73 -4.13 -0.66
N ILE A 407 7.79 -3.78 0.22
CA ILE A 407 7.30 -4.76 1.18
C ILE A 407 6.48 -5.83 0.48
N LEU A 408 6.79 -7.08 0.77
CA LEU A 408 5.96 -8.21 0.35
C LEU A 408 5.07 -8.66 1.49
N ILE A 409 5.66 -9.11 2.60
CA ILE A 409 4.88 -9.39 3.80
C ILE A 409 5.84 -9.39 4.99
N THR A 410 5.37 -8.80 6.10
CA THR A 410 6.14 -8.62 7.32
C THR A 410 5.62 -9.51 8.45
N SER A 411 6.48 -9.69 9.46
CA SER A 411 6.10 -10.41 10.67
C SER A 411 4.99 -9.67 11.42
N ALA A 412 4.98 -8.33 11.31
CA ALA A 412 3.91 -7.54 11.91
C ALA A 412 2.55 -7.90 11.33
N GLU A 413 2.46 -8.04 10.01
CA GLU A 413 1.18 -8.48 9.42
C GLU A 413 0.78 -9.86 9.94
N VAL A 414 1.70 -10.83 9.87
CA VAL A 414 1.42 -12.17 10.39
C VAL A 414 0.91 -12.11 11.83
N ASP A 415 1.55 -11.27 12.67
CA ASP A 415 1.06 -11.03 14.04
C ASP A 415 -0.42 -10.66 14.03
N PHE A 416 -0.80 -9.69 13.19
CA PHE A 416 -2.20 -9.26 13.13
C PHE A 416 -3.10 -10.36 12.56
N LEU A 417 -2.57 -11.17 11.65
CA LEU A 417 -3.33 -12.30 11.16
C LEU A 417 -3.58 -13.29 12.28
N LEU A 418 -2.52 -13.58 13.05
CA LEU A 418 -2.64 -14.50 14.18
C LEU A 418 -3.61 -13.96 15.22
N ALA A 419 -3.56 -12.65 15.49
CA ALA A 419 -4.52 -12.05 16.41
C ALA A 419 -5.96 -12.26 15.92
N GLU A 420 -6.24 -11.89 14.69
CA GLU A 420 -7.59 -12.07 14.19
C GLU A 420 -7.96 -13.55 14.16
N ALA A 421 -7.03 -14.42 13.77
CA ALA A 421 -7.32 -15.86 13.81
C ALA A 421 -7.73 -16.28 15.21
N LYS A 422 -7.08 -15.72 16.23
CA LYS A 422 -7.46 -16.07 17.59
C LYS A 422 -8.84 -15.55 17.91
N THR A 423 -9.16 -14.32 17.49
CA THR A 423 -10.47 -13.77 17.82
C THR A 423 -11.58 -14.51 17.08
N LYS A 424 -11.25 -15.25 16.02
CA LYS A 424 -12.22 -16.07 15.30
C LYS A 424 -12.39 -17.45 15.93
N GLY A 425 -11.57 -17.80 16.92
CA GLY A 425 -11.63 -19.09 17.56
C GLY A 425 -10.76 -20.15 16.92
N TRP A 426 -10.03 -19.82 15.86
CA TRP A 426 -9.18 -20.80 15.23
C TRP A 426 -8.12 -21.29 16.21
N ASN A 427 -7.52 -22.43 15.91
CA ASN A 427 -6.65 -23.14 16.86
C ASN A 427 -5.26 -22.52 16.75
N VAL A 428 -5.12 -21.35 17.37
CA VAL A 428 -3.89 -20.58 17.41
C VAL A 428 -3.40 -20.54 18.85
N SER A 429 -2.09 -20.69 19.04
CA SER A 429 -1.52 -20.61 20.38
C SER A 429 -1.36 -19.16 20.78
N GLY A 430 -1.59 -18.88 22.06
CA GLY A 430 -1.45 -17.53 22.58
C GLY A 430 -2.68 -16.69 22.33
N ASP A 431 -2.96 -15.76 23.25
CA ASP A 431 -4.18 -14.99 23.22
C ASP A 431 -4.12 -13.91 22.14
N ALA A 432 -5.30 -13.39 21.78
CA ALA A 432 -5.38 -12.37 20.74
C ALA A 432 -4.57 -11.14 21.11
N GLU A 433 -4.57 -10.76 22.39
CA GLU A 433 -3.91 -9.51 22.78
CA GLU A 433 -3.91 -9.52 22.79
C GLU A 433 -2.40 -9.60 22.58
N SER A 434 -1.80 -10.75 22.90
CA SER A 434 -0.36 -10.90 22.74
C SER A 434 0.04 -10.77 21.28
N HIS A 435 -0.69 -11.47 20.39
CA HIS A 435 -0.43 -11.32 18.96
C HIS A 435 -0.68 -9.89 18.51
N TYR A 436 -1.79 -9.30 18.96
CA TYR A 436 -2.08 -7.91 18.60
C TYR A 436 -0.95 -6.99 19.04
N GLU A 437 -0.57 -7.08 20.32
CA GLU A 437 0.50 -6.23 20.81
C GLU A 437 1.79 -6.46 20.02
N ALA A 438 2.11 -7.73 19.75
CA ALA A 438 3.29 -8.03 18.94
C ALA A 438 3.25 -7.30 17.61
N GLY A 439 2.08 -7.26 16.97
CA GLY A 439 1.98 -6.62 15.65
C GLY A 439 2.12 -5.11 15.73
N VAL A 440 1.55 -4.50 16.76
CA VAL A 440 1.74 -3.07 16.95
C VAL A 440 3.22 -2.77 17.15
N ARG A 441 3.88 -3.55 18.01
CA ARG A 441 5.29 -3.30 18.29
C ARG A 441 6.13 -3.50 17.03
N ALA A 442 5.76 -4.48 16.20
CA ALA A 442 6.56 -4.74 15.01
C ALA A 442 6.31 -3.69 13.95
N SER A 443 5.09 -3.17 13.87
CA SER A 443 4.80 -2.08 12.92
C SER A 443 5.58 -0.85 13.30
N MET A 444 5.62 -0.56 14.60
CA MET A 444 6.46 0.48 15.15
C MET A 444 7.91 0.26 14.72
N GLU A 445 8.41 -0.95 14.99
CA GLU A 445 9.83 -1.26 14.79
C GLU A 445 10.22 -1.28 13.32
N MET A 446 9.27 -1.61 12.43
CA MET A 446 9.60 -1.60 11.02
C MET A 446 9.93 -0.19 10.55
N LEU A 447 9.30 0.83 11.14
CA LEU A 447 9.69 2.19 10.79
C LEU A 447 11.09 2.52 11.29
N ASN A 448 11.40 2.12 12.52
CA ASN A 448 12.76 2.29 13.01
C ASN A 448 13.77 1.57 12.11
N ASN A 449 13.45 0.34 11.70
CA ASN A 449 14.44 -0.48 11.01
C ASN A 449 14.59 -0.10 9.54
N TYR A 450 13.48 0.19 8.86
CA TYR A 450 13.48 0.27 7.40
C TYR A 450 13.35 1.68 6.85
N TYR A 451 12.96 2.66 7.67
CA TYR A 451 12.61 3.96 7.10
C TYR A 451 13.24 5.17 7.81
N LEU A 452 12.99 5.30 9.12
CA LEU A 452 13.37 6.53 9.80
C LEU A 452 14.88 6.73 9.79
N THR A 453 15.30 7.93 9.38
CA THR A 453 16.69 8.35 9.40
C THR A 453 17.05 9.14 10.66
N SER A 454 16.05 9.53 11.43
CA SER A 454 16.21 10.27 12.68
C SER A 454 14.90 10.09 13.43
N ASN A 455 14.90 10.52 14.67
CA ASN A 455 13.65 10.59 15.43
C ASN A 455 13.00 9.21 15.59
N LYS A 456 13.83 8.19 15.79
CA LYS A 456 13.34 6.83 15.92
C LYS A 456 12.37 6.71 17.10
N ILE A 457 11.45 5.76 17.00
CA ILE A 457 10.40 5.60 18.00
C ILE A 457 10.96 4.79 19.17
N SER A 458 10.94 5.38 20.36
CA SER A 458 11.59 4.73 21.50
C SER A 458 10.72 3.59 22.04
N GLU A 459 11.39 2.66 22.73
CA GLU A 459 10.67 1.56 23.35
C GLU A 459 9.66 2.06 24.37
N ASP A 460 9.97 3.16 25.07
CA ASP A 460 8.99 3.76 25.97
C ASP A 460 7.73 4.15 25.20
N GLU A 461 7.89 4.82 24.06
CA GLU A 461 6.73 5.27 23.29
C GLU A 461 5.87 4.09 22.84
N ILE A 462 6.51 3.05 22.30
CA ILE A 462 5.79 1.85 21.88
C ILE A 462 4.99 1.28 23.05
N ASN A 463 5.68 1.01 24.17
CA ASN A 463 5.01 0.47 25.35
C ASN A 463 3.88 1.39 25.82
N ALA A 464 4.14 2.69 25.86
CA ALA A 464 3.10 3.65 26.21
C ALA A 464 1.89 3.51 25.31
N PHE A 465 2.11 3.58 23.99
CA PHE A 465 1.00 3.55 23.05
C PHE A 465 0.15 2.29 23.22
N ILE A 466 0.81 1.12 23.32
CA ILE A 466 0.08 -0.14 23.46
C ILE A 466 -0.81 -0.13 24.70
N ALA A 467 -0.30 0.41 25.81
CA ALA A 467 -1.08 0.43 27.04
C ALA A 467 -2.39 1.20 26.85
N ASN A 468 -2.35 2.27 26.06
CA ASN A 468 -3.51 3.12 25.88
C ASN A 468 -4.43 2.65 24.78
N ASN A 469 -4.03 1.62 24.01
CA ASN A 469 -4.81 1.11 22.88
C ASN A 469 -4.86 -0.42 22.92
N GLN A 470 -5.41 -0.96 24.01
CA GLN A 470 -5.66 -2.38 24.09
C GLN A 470 -6.74 -2.78 23.07
N LEU A 471 -6.96 -4.09 22.94
CA LEU A 471 -7.88 -4.60 21.93
C LEU A 471 -9.29 -4.01 22.06
N GLY A 472 -9.81 -3.94 23.28
CA GLY A 472 -11.12 -3.36 23.49
C GLY A 472 -12.27 -4.29 23.13
N GLU A 473 -13.43 -3.67 22.92
CA GLU A 473 -14.66 -4.40 22.68
C GLU A 473 -14.84 -4.84 21.23
N ASN A 474 -14.11 -4.25 20.30
CA ASN A 474 -14.19 -4.62 18.89
C ASN A 474 -12.80 -4.95 18.36
N PRO A 475 -12.26 -6.11 18.75
CA PRO A 475 -10.87 -6.44 18.38
C PRO A 475 -10.63 -6.43 16.89
N LYS A 476 -11.59 -6.95 16.11
CA LYS A 476 -11.43 -6.99 14.67
C LYS A 476 -11.20 -5.59 14.11
N GLN A 477 -11.93 -4.60 14.63
CA GLN A 477 -11.71 -3.23 14.21
C GLN A 477 -10.34 -2.72 14.67
N THR A 478 -10.00 -2.96 15.93
CA THR A 478 -8.70 -2.55 16.44
C THR A 478 -7.57 -3.20 15.63
N ILE A 479 -7.66 -4.52 15.45
CA ILE A 479 -6.59 -5.25 14.76
C ILE A 479 -6.41 -4.69 13.35
N ASN A 480 -7.50 -4.52 12.63
CA ASN A 480 -7.37 -4.18 11.22
C ASN A 480 -7.14 -2.69 10.99
N THR A 481 -7.49 -1.85 11.96
CA THR A 481 -7.07 -0.45 11.87
C THR A 481 -5.55 -0.34 12.04
N GLN A 482 -4.99 -1.06 13.01
CA GLN A 482 -3.54 -1.04 13.21
C GLN A 482 -2.80 -1.68 12.03
N ALA A 483 -3.37 -2.73 11.42
CA ALA A 483 -2.76 -3.28 10.22
C ALA A 483 -2.78 -2.28 9.07
N TRP A 484 -3.82 -1.45 9.03
CA TRP A 484 -3.94 -0.47 7.95
C TRP A 484 -2.84 0.59 8.04
N ILE A 485 -2.46 1.02 9.26
CA ILE A 485 -1.27 1.85 9.40
C ILE A 485 -0.06 1.09 8.91
N LEU A 486 0.12 -0.16 9.39
CA LEU A 486 1.22 -1.00 8.96
C LEU A 486 1.37 -1.00 7.44
N HIS A 487 0.25 -1.09 6.73
CA HIS A 487 0.24 -1.27 5.29
C HIS A 487 0.33 0.04 4.52
N MET A 488 0.70 1.15 5.19
CA MET A 488 0.80 2.43 4.48
C MET A 488 1.63 2.33 3.20
N MET A 489 2.81 1.74 3.29
CA MET A 489 3.67 1.68 2.13
C MET A 489 3.51 0.39 1.33
N ASN A 490 2.42 -0.33 1.55
CA ASN A 490 2.11 -1.55 0.81
C ASN A 490 0.68 -1.39 0.31
N PRO A 491 0.43 -0.41 -0.57
CA PRO A 491 -0.95 0.02 -0.79
C PRO A 491 -1.86 -1.08 -1.26
N SER A 492 -1.34 -2.07 -1.98
CA SER A 492 -2.24 -3.12 -2.44
C SER A 492 -2.73 -3.96 -1.28
N GLU A 493 -1.86 -4.26 -0.31
CA GLU A 493 -2.35 -5.01 0.84
C GLU A 493 -3.24 -4.14 1.70
N ALA A 494 -2.88 -2.87 1.86
CA ALA A 494 -3.76 -1.92 2.54
C ALA A 494 -5.17 -2.00 1.99
N TRP A 495 -5.31 -1.83 0.67
CA TRP A 495 -6.64 -1.78 0.05
C TRP A 495 -7.37 -3.13 0.12
N ALA A 496 -6.65 -4.23 -0.13
CA ALA A 496 -7.27 -5.54 -0.05
C ALA A 496 -7.76 -5.85 1.36
N ASN A 497 -6.90 -5.65 2.36
CA ASN A 497 -7.29 -6.04 3.71
C ASN A 497 -8.31 -5.08 4.31
N MET A 498 -8.28 -3.81 3.88
CA MET A 498 -9.36 -2.90 4.22
C MET A 498 -10.67 -3.41 3.66
N ARG A 499 -10.67 -3.78 2.39
CA ARG A 499 -11.90 -4.23 1.75
C ARG A 499 -12.42 -5.49 2.44
N ARG A 500 -11.57 -6.50 2.63
CA ARG A 500 -12.03 -7.74 3.26
C ARG A 500 -12.55 -7.47 4.67
N SER A 501 -11.76 -6.81 5.52
CA SER A 501 -12.09 -6.63 6.93
C SER A 501 -13.09 -5.50 7.17
N ASP A 502 -13.23 -4.60 6.20
CA ASP A 502 -14.11 -3.43 6.29
C ASP A 502 -13.66 -2.45 7.37
N TYR A 503 -12.43 -2.56 7.83
CA TYR A 503 -11.81 -1.62 8.75
C TYR A 503 -10.48 -1.17 8.17
N PRO A 504 -10.07 0.05 8.43
CA PRO A 504 -10.69 1.04 9.32
C PRO A 504 -11.96 1.66 8.77
N ALA A 505 -12.81 2.17 9.64
CA ALA A 505 -13.92 3.01 9.19
C ALA A 505 -13.36 4.26 8.52
N LEU A 506 -13.65 4.41 7.23
CA LEU A 506 -13.15 5.56 6.49
C LEU A 506 -14.02 6.78 6.73
N LEU A 507 -13.52 7.94 6.29
CA LEU A 507 -14.39 9.08 6.16
C LEU A 507 -15.36 8.83 5.02
N ASP A 508 -16.64 9.05 5.29
CA ASP A 508 -17.69 8.96 4.28
C ASP A 508 -17.49 10.00 3.20
N ARG A 509 -16.90 9.57 2.07
CA ARG A 509 -16.68 10.46 0.93
C ARG A 509 -17.96 11.16 0.50
N SER A 510 -19.09 10.47 0.61
CA SER A 510 -20.36 11.05 0.19
C SER A 510 -20.78 12.25 1.02
N ARG A 511 -20.20 12.45 2.21
CA ARG A 511 -20.50 13.58 3.07
C ARG A 511 -19.33 14.56 3.20
N LEU A 512 -18.33 14.47 2.32
CA LEU A 512 -17.28 15.46 2.24
C LEU A 512 -17.49 16.31 0.98
N ALA A 513 -16.93 17.52 1.03
CA ALA A 513 -17.13 18.48 -0.04
C ALA A 513 -16.62 17.94 -1.38
N THR A 514 -17.22 18.42 -2.45
CA THR A 514 -16.68 18.28 -3.79
C THR A 514 -16.48 19.67 -4.38
N PHE A 515 -15.51 19.80 -5.29
CA PHE A 515 -15.09 21.09 -5.81
C PHE A 515 -15.14 21.09 -7.33
N PRO A 516 -16.34 20.98 -7.92
CA PRO A 516 -16.43 21.03 -9.40
C PRO A 516 -15.96 22.35 -9.98
N GLY A 517 -16.13 23.45 -9.25
CA GLY A 517 -15.64 24.74 -9.71
C GLY A 517 -14.14 24.78 -9.92
N ASP A 518 -13.39 23.86 -9.31
CA ASP A 518 -11.94 23.82 -9.42
C ASP A 518 -11.45 22.89 -10.54
N GLY A 519 -12.34 22.48 -11.44
CA GLY A 519 -11.96 21.70 -12.60
C GLY A 519 -12.12 20.20 -12.46
N PHE A 520 -12.43 19.69 -11.26
CA PHE A 520 -12.60 18.27 -11.06
C PHE A 520 -13.95 17.80 -11.58
N VAL A 521 -13.99 16.54 -12.03
CA VAL A 521 -15.14 15.97 -12.72
C VAL A 521 -15.72 14.83 -11.87
N TYR A 522 -16.97 14.98 -11.45
CA TYR A 522 -17.68 13.99 -10.63
C TYR A 522 -18.74 13.29 -11.48
N ASP A 523 -18.30 12.33 -12.30
CA ASP A 523 -19.17 11.64 -13.24
C ASP A 523 -19.63 10.28 -12.72
N ASP A 524 -19.65 10.08 -11.41
CA ASP A 524 -20.11 8.82 -10.85
C ASP A 524 -21.02 9.11 -9.67
N PRO A 525 -22.32 8.77 -9.75
CA PRO A 525 -23.22 9.06 -8.62
C PRO A 525 -22.82 8.33 -7.35
N ASN A 526 -22.44 7.07 -7.46
CA ASN A 526 -21.97 6.31 -6.31
C ASN A 526 -20.57 6.80 -5.94
N MET A 527 -20.49 7.68 -4.95
CA MET A 527 -19.22 8.27 -4.52
C MET A 527 -18.50 7.45 -3.46
N SER A 528 -19.00 6.27 -3.11
CA SER A 528 -18.27 5.54 -2.10
C SER A 528 -17.05 4.86 -2.74
N MET A 529 -16.11 4.46 -1.89
CA MET A 529 -14.81 3.97 -2.34
C MET A 529 -14.98 2.85 -3.35
N PRO A 530 -14.33 2.92 -4.51
CA PRO A 530 -14.35 1.77 -5.42
C PRO A 530 -13.75 0.54 -4.76
N THR A 531 -14.34 -0.61 -5.08
CA THR A 531 -13.94 -1.91 -4.56
C THR A 531 -13.09 -2.69 -5.53
N ARG A 532 -12.86 -2.14 -6.72
CA ARG A 532 -11.91 -2.67 -7.68
C ARG A 532 -11.62 -1.56 -8.69
N LEU A 533 -10.73 -1.85 -9.63
CA LEU A 533 -10.53 -1.02 -10.81
C LEU A 533 -11.17 -1.68 -12.04
N ARG A 534 -11.55 -0.84 -13.01
CA ARG A 534 -12.03 -1.35 -14.29
C ARG A 534 -10.91 -2.04 -15.06
N TYR A 535 -11.30 -2.93 -15.99
CA TYR A 535 -10.32 -3.56 -16.86
C TYR A 535 -9.76 -2.53 -17.84
N PRO A 536 -8.55 -2.76 -18.34
CA PRO A 536 -8.06 -1.91 -19.43
C PRO A 536 -9.02 -1.96 -20.60
N GLU A 537 -9.33 -0.79 -21.15
CA GLU A 537 -10.37 -0.74 -22.18
C GLU A 537 -9.95 -1.48 -23.44
N LEU A 538 -8.64 -1.49 -23.75
CA LEU A 538 -8.18 -2.16 -24.96
C LEU A 538 -8.39 -3.67 -24.89
N GLU A 539 -8.48 -4.23 -23.69
CA GLU A 539 -8.87 -5.62 -23.57
C GLU A 539 -10.19 -5.88 -24.31
N GLY A 540 -11.08 -4.89 -24.31
CA GLY A 540 -12.31 -4.97 -25.08
C GLY A 540 -12.11 -5.18 -26.56
N GLN A 541 -10.94 -4.80 -27.10
CA GLN A 541 -10.65 -5.01 -28.52
C GLN A 541 -9.78 -6.24 -28.75
N TYR A 542 -8.67 -6.38 -28.02
CA TYR A 542 -7.68 -7.41 -28.28
C TYR A 542 -7.96 -8.72 -27.55
N ASN A 543 -8.72 -8.70 -26.47
CA ASN A 543 -9.17 -9.90 -25.79
C ASN A 543 -10.67 -9.85 -25.60
N SER A 544 -11.38 -9.55 -26.71
CA SER A 544 -12.75 -9.04 -26.62
C SER A 544 -13.70 -10.06 -26.04
N VAL A 545 -13.59 -11.31 -26.48
CA VAL A 545 -14.54 -12.34 -26.05
C VAL A 545 -14.33 -12.65 -24.58
N ASN A 546 -13.10 -12.85 -24.15
CA ASN A 546 -12.84 -13.14 -22.74
C ASN A 546 -13.16 -11.95 -21.85
N TYR A 547 -12.93 -10.73 -22.34
CA TYR A 547 -13.31 -9.51 -21.64
C TYR A 547 -14.82 -9.44 -21.43
N LYS A 548 -15.60 -9.59 -22.50
CA LYS A 548 -17.05 -9.64 -22.39
C LYS A 548 -17.49 -10.65 -21.34
N ALA A 549 -16.93 -11.87 -21.40
CA ALA A 549 -17.33 -12.92 -20.46
C ALA A 549 -17.14 -12.47 -19.02
N ALA A 550 -15.95 -11.94 -18.68
CA ALA A 550 -15.72 -11.53 -17.30
C ALA A 550 -16.71 -10.45 -16.90
N ILE A 551 -17.00 -9.53 -17.82
CA ILE A 551 -17.92 -8.45 -17.49
C ILE A 551 -19.31 -9.01 -17.27
N GLU A 552 -19.71 -9.98 -18.09
CA GLU A 552 -21.01 -10.62 -17.90
C GLU A 552 -21.11 -11.29 -16.54
N ARG A 553 -20.03 -11.92 -16.08
CA ARG A 553 -20.09 -12.56 -14.77
C ARG A 553 -20.31 -11.53 -13.68
N MET A 554 -19.91 -10.28 -13.93
CA MET A 554 -20.01 -9.19 -12.97
C MET A 554 -21.40 -8.62 -12.90
N GLY A 555 -22.20 -8.82 -13.95
CA GLY A 555 -23.52 -8.23 -14.03
C GLY A 555 -23.78 -7.47 -15.32
N GLY A 556 -22.83 -7.45 -16.25
CA GLY A 556 -23.02 -6.84 -17.55
C GLY A 556 -22.29 -5.54 -17.79
N THR A 557 -21.69 -4.93 -16.75
CA THR A 557 -20.91 -3.73 -16.96
C THR A 557 -19.65 -3.79 -16.09
N ASP A 558 -18.57 -3.21 -16.59
CA ASP A 558 -17.31 -3.17 -15.85
C ASP A 558 -17.48 -2.18 -14.71
N ASP A 559 -17.94 -2.67 -13.57
CA ASP A 559 -18.42 -1.80 -12.50
C ASP A 559 -17.40 -1.81 -11.35
N TRP A 560 -16.75 -0.67 -11.10
CA TRP A 560 -15.77 -0.63 -10.02
C TRP A 560 -16.39 -0.42 -8.66
N HIS A 561 -17.72 -0.50 -8.57
CA HIS A 561 -18.41 -0.59 -7.29
C HIS A 561 -18.86 -2.01 -6.99
N LYS A 562 -18.46 -2.96 -7.83
CA LYS A 562 -18.83 -4.35 -7.65
C LYS A 562 -17.82 -5.01 -6.73
N LYS A 563 -18.31 -5.67 -5.69
CA LYS A 563 -17.42 -6.29 -4.71
C LYS A 563 -16.84 -7.59 -5.26
N LEU A 564 -15.56 -7.83 -4.95
CA LEU A 564 -14.94 -9.07 -5.39
C LEU A 564 -15.45 -10.25 -4.57
N TRP A 565 -15.18 -11.44 -5.08
CA TRP A 565 -15.67 -12.67 -4.47
C TRP A 565 -15.40 -12.74 -2.96
N TRP A 566 -14.17 -12.37 -2.53
CA TRP A 566 -13.87 -12.47 -1.09
C TRP A 566 -14.37 -11.28 -0.28
N ASP A 567 -14.88 -10.25 -0.94
CA ASP A 567 -15.33 -9.01 -0.29
C ASP A 567 -16.86 -9.10 -0.11
N LYS A 568 -17.30 -9.39 1.11
CA LYS A 568 -18.71 -9.67 1.36
C LYS A 568 -19.52 -8.48 1.87
N SER A 569 -18.89 -7.47 2.46
CA SER A 569 -19.62 -6.30 2.95
C SER A 569 -18.86 -5.04 2.59
N ASP A 570 -19.57 -3.91 2.69
CA ASP A 570 -18.95 -2.62 2.45
C ASP A 570 -18.05 -2.19 3.61
N VAL A 571 -16.97 -1.49 3.27
CA VAL A 571 -16.06 -0.98 4.28
C VAL A 571 -16.80 -0.01 5.20
N ASN A 572 -16.50 -0.06 6.49
CA ASN A 572 -17.24 0.81 7.40
C ASN A 572 -16.90 2.28 7.16
N VAL A 573 -17.78 3.16 7.61
CA VAL A 573 -17.56 4.59 7.46
C VAL A 573 -17.85 5.29 8.78
N GLN A 574 -17.16 6.41 9.02
CA GLN A 574 -17.33 7.12 10.28
C GLN A 574 -18.63 7.89 10.28
N GLY A 575 -19.40 7.74 11.36
CA GLY A 575 -20.69 8.40 11.45
C GLY A 575 -20.58 9.90 11.62
N ASP A 576 -19.56 10.36 12.34
CA ASP A 576 -19.35 11.77 12.61
C ASP A 576 -17.93 12.17 12.22
N PHE A 577 -17.79 13.37 11.65
CA PHE A 577 -16.47 13.93 11.42
C PHE A 577 -16.58 15.44 11.59
N ASN A 578 -16.30 15.91 12.81
CA ASN A 578 -16.30 17.33 13.17
C ASN A 578 -14.93 17.67 13.74
N PRO A 579 -13.95 17.93 12.87
CA PRO A 579 -12.60 18.11 13.37
C PRO A 579 -12.48 19.43 14.10
N PRO A 580 -11.55 19.53 15.05
CA PRO A 580 -11.41 20.77 15.81
C PRO A 580 -11.03 21.95 14.96
N TYR A 581 -10.25 21.73 13.90
CA TYR A 581 -9.85 22.77 12.99
C TYR A 581 -10.07 22.29 11.56
N GLY A 582 -10.38 23.22 10.67
CA GLY A 582 -10.67 22.83 9.30
C GLY A 582 -12.12 22.37 9.13
N LYS A 583 -12.33 21.63 8.04
CA LYS A 583 -13.65 21.23 7.60
C LYS A 583 -13.85 19.74 7.82
N GLY A 584 -15.08 19.36 8.19
CA GLY A 584 -15.48 17.97 8.33
C GLY A 584 -16.60 17.57 7.39
N TYR A 585 -17.50 16.70 7.84
CA TYR A 585 -18.64 16.37 6.99
C TYR A 585 -19.46 17.64 6.72
N ILE A 586 -20.25 17.59 5.66
CA ILE A 586 -21.11 18.72 5.33
C ILE A 586 -22.10 19.02 6.46
MG MG B . -15.65 -5.24 2.26
#